data_2ZIY
#
_entry.id   2ZIY
#
_cell.length_a   84.319
_cell.length_b   108.746
_cell.length_c   142.165
_cell.angle_alpha   90.00
_cell.angle_beta   90.00
_cell.angle_gamma   90.00
#
_symmetry.space_group_name_H-M   'C 2 2 21'
#
loop_
_entity.id
_entity.type
_entity.pdbx_description
1 polymer Rhodopsin
2 non-polymer RETINAL
3 non-polymer 'PALMITIC ACID'
#
_entity_poly.entity_id   1
_entity_poly.type   'polypeptide(L)'
_entity_poly.pdbx_seq_one_letter_code
;GRDLRDNETWWYNPSIIVHPHWREFDQVPDAVYYSLGIFIGICGIIGCGGNGIVIYLFTKTKSLQTPANMFIINLAFSDF
TFSLVNGFPLMTISCFLKKWIFGFAACKVYGFIGGIFGFMSIMTMAMISIDRYNVIGRPMAASKKMSHRRAFIMIIFVWL
WSVLWAIGPIFGWGAYTLEGVLCNCSFDYISRDSTTRSNILCMFILGFFGPILIIFFCYFNIVMSVSNHEKEMAAMAKRL
NAKELRKAQAGANAEMRLAKISIVIVSQFLLSWSPYAVVALLAQFGPLEWVTPYAAQLPVMFAKASAIHNPMIYSVSHPK
FREAISQTFPWVLTCCQFDDKETEDDKDAETEIPAGESSDAAPSADAAQMKE
;
_entity_poly.pdbx_strand_id   A
#
loop_
_chem_comp.id
_chem_comp.type
_chem_comp.name
_chem_comp.formula
PLM non-polymer 'PALMITIC ACID' 'C16 H32 O2'
RET non-polymer RETINAL 'C20 H28 O'
#
# COMPACT_ATOMS: atom_id res chain seq x y z
N ASP A 3 40.84 -19.18 8.84
CA ASP A 3 41.61 -19.29 10.11
C ASP A 3 42.74 -18.25 10.24
N LEU A 4 42.49 -17.23 11.07
CA LEU A 4 43.43 -16.10 11.33
C LEU A 4 43.41 -15.07 10.16
N ARG A 5 42.21 -14.50 9.97
CA ARG A 5 41.87 -13.49 8.95
C ARG A 5 41.27 -14.21 7.73
N ASP A 6 40.15 -14.90 7.99
CA ASP A 6 39.40 -15.67 7.00
C ASP A 6 39.05 -14.96 5.68
N ASN A 7 39.18 -15.70 4.58
CA ASN A 7 38.84 -15.17 3.26
C ASN A 7 38.29 -16.35 2.46
N GLU A 8 37.56 -15.99 1.42
CA GLU A 8 36.99 -16.93 0.49
C GLU A 8 36.76 -16.06 -0.73
N THR A 9 35.83 -15.11 -0.66
CA THR A 9 35.57 -14.23 -1.80
C THR A 9 34.91 -12.97 -1.32
N TRP A 10 34.32 -12.23 -2.26
CA TRP A 10 33.63 -10.99 -1.93
C TRP A 10 32.41 -11.40 -1.14
N TRP A 11 31.57 -12.21 -1.77
CA TRP A 11 30.32 -12.68 -1.20
C TRP A 11 30.29 -13.19 0.24
N TYR A 12 31.46 -13.48 0.84
CA TYR A 12 31.53 -13.98 2.22
C TYR A 12 30.96 -12.98 3.22
N ASN A 13 30.03 -13.45 4.04
CA ASN A 13 29.39 -12.62 5.05
C ASN A 13 29.38 -13.38 6.37
N PRO A 14 30.31 -13.06 7.27
CA PRO A 14 30.54 -13.64 8.60
C PRO A 14 29.36 -14.03 9.50
N SER A 15 28.29 -13.26 9.53
CA SER A 15 27.18 -13.67 10.39
C SER A 15 26.10 -14.43 9.62
N ILE A 16 25.98 -14.20 8.31
CA ILE A 16 24.95 -14.88 7.53
C ILE A 16 25.37 -15.96 6.50
N ILE A 17 24.68 -17.09 6.61
CA ILE A 17 24.85 -18.26 5.76
C ILE A 17 24.33 -17.89 4.38
N VAL A 18 25.19 -17.40 3.50
CA VAL A 18 24.71 -17.05 2.16
C VAL A 18 24.06 -18.29 1.57
N HIS A 19 23.45 -18.23 0.40
CA HIS A 19 22.93 -19.48 -0.14
C HIS A 19 23.88 -19.75 -1.28
N PRO A 20 24.31 -20.99 -1.44
CA PRO A 20 25.24 -21.32 -2.51
C PRO A 20 24.93 -20.56 -3.80
N HIS A 21 23.67 -20.60 -4.22
CA HIS A 21 23.26 -19.94 -5.45
C HIS A 21 23.79 -18.53 -5.66
N TRP A 22 23.70 -17.72 -4.62
CA TRP A 22 24.14 -16.33 -4.69
C TRP A 22 25.65 -16.22 -4.76
N ARG A 23 26.31 -17.36 -4.53
CA ARG A 23 27.77 -17.42 -4.56
C ARG A 23 28.30 -17.86 -5.91
N GLU A 24 27.58 -18.76 -6.59
CA GLU A 24 28.06 -19.25 -7.88
C GLU A 24 28.22 -18.20 -8.99
N PHE A 25 27.97 -16.94 -8.69
CA PHE A 25 28.14 -15.90 -9.68
C PHE A 25 29.40 -15.13 -9.43
N ASP A 26 29.67 -14.21 -10.33
CA ASP A 26 30.84 -13.36 -10.19
C ASP A 26 30.27 -12.09 -9.62
N GLN A 27 31.11 -11.34 -8.92
CA GLN A 27 30.69 -10.11 -8.28
C GLN A 27 30.19 -8.99 -9.18
N VAL A 28 29.17 -8.29 -8.69
CA VAL A 28 28.62 -7.17 -9.44
C VAL A 28 29.64 -6.02 -9.26
N PRO A 29 29.72 -5.08 -10.23
CA PRO A 29 30.63 -3.94 -10.22
C PRO A 29 30.39 -2.90 -9.12
N ASP A 30 31.46 -2.17 -8.78
CA ASP A 30 31.43 -1.15 -7.75
C ASP A 30 30.32 -0.11 -7.90
N ALA A 31 29.95 0.18 -9.15
CA ALA A 31 28.91 1.17 -9.45
C ALA A 31 27.45 0.75 -9.17
N VAL A 32 27.09 -0.50 -9.44
CA VAL A 32 25.72 -0.93 -9.20
C VAL A 32 25.44 -0.86 -7.70
N TYR A 33 26.39 -1.31 -6.90
CA TYR A 33 26.24 -1.27 -5.46
C TYR A 33 25.94 0.16 -5.04
N TYR A 34 26.78 1.09 -5.45
CA TYR A 34 26.57 2.49 -5.10
C TYR A 34 25.20 2.93 -5.60
N SER A 35 24.87 2.61 -6.86
CA SER A 35 23.56 2.98 -7.36
C SER A 35 22.59 2.37 -6.35
N LEU A 36 22.60 1.05 -6.26
CA LEU A 36 21.71 0.37 -5.35
C LEU A 36 21.68 1.10 -4.03
N GLY A 37 22.75 1.80 -3.72
CA GLY A 37 22.74 2.57 -2.49
C GLY A 37 21.94 3.81 -2.83
N ILE A 38 22.60 4.79 -3.43
CA ILE A 38 21.96 6.04 -3.86
C ILE A 38 20.50 5.84 -4.20
N PHE A 39 20.23 4.87 -5.05
CA PHE A 39 18.86 4.58 -5.46
C PHE A 39 17.94 4.34 -4.28
N ILE A 40 18.26 3.40 -3.41
CA ILE A 40 17.33 3.16 -2.30
C ILE A 40 17.46 4.15 -1.17
N GLY A 41 18.27 5.17 -1.38
CA GLY A 41 18.45 6.20 -0.38
C GLY A 41 17.31 7.11 -0.75
N ILE A 42 17.26 7.44 -2.03
CA ILE A 42 16.21 8.30 -2.54
C ILE A 42 14.86 7.86 -1.95
N CYS A 43 14.58 6.56 -1.96
CA CYS A 43 13.30 6.05 -1.46
C CYS A 43 13.13 6.12 0.04
N GLY A 44 14.21 6.34 0.75
CA GLY A 44 14.10 6.46 2.18
C GLY A 44 13.48 7.81 2.31
N ILE A 45 14.15 8.81 1.73
CA ILE A 45 13.71 10.19 1.74
C ILE A 45 12.27 10.34 1.26
N ILE A 46 12.10 10.30 -0.05
CA ILE A 46 10.80 10.43 -0.65
C ILE A 46 9.71 9.78 0.16
N GLY A 47 9.81 8.46 0.34
CA GLY A 47 8.80 7.73 1.11
C GLY A 47 8.55 8.12 2.56
N CYS A 48 9.60 8.32 3.34
CA CYS A 48 9.35 8.68 4.70
C CYS A 48 8.90 10.10 4.67
N GLY A 49 9.01 10.71 3.50
CA GLY A 49 8.56 12.07 3.36
C GLY A 49 7.06 11.98 3.24
N GLY A 50 6.61 11.67 2.03
CA GLY A 50 5.19 11.53 1.78
C GLY A 50 4.41 10.94 2.94
N ASN A 51 4.63 9.67 3.24
CA ASN A 51 3.89 9.06 4.32
C ASN A 51 3.81 9.93 5.55
N GLY A 52 4.95 10.48 5.95
CA GLY A 52 4.99 11.35 7.12
C GLY A 52 3.99 12.47 6.98
N ILE A 53 4.12 13.21 5.87
CA ILE A 53 3.21 14.30 5.55
C ILE A 53 1.84 13.66 5.67
N VAL A 54 1.54 12.81 4.70
CA VAL A 54 0.28 12.15 4.70
C VAL A 54 -0.20 11.87 6.11
N ILE A 55 0.58 11.22 6.95
CA ILE A 55 0.08 11.01 8.30
C ILE A 55 -0.28 12.39 8.87
N TYR A 56 0.69 13.29 8.87
CA TYR A 56 0.51 14.64 9.39
C TYR A 56 -0.71 15.40 8.90
N LEU A 57 -1.03 15.30 7.62
CA LEU A 57 -2.20 16.01 7.16
C LEU A 57 -3.40 15.26 7.69
N PHE A 58 -3.71 14.15 7.07
CA PHE A 58 -4.84 13.35 7.50
C PHE A 58 -5.05 13.17 8.99
N THR A 59 -4.08 13.46 9.83
CA THR A 59 -4.32 13.27 11.25
C THR A 59 -4.72 14.59 11.87
N LYS A 60 -4.31 15.69 11.26
CA LYS A 60 -4.64 17.01 11.79
C LYS A 60 -5.82 17.68 11.06
N THR A 61 -5.69 17.90 9.76
CA THR A 61 -6.76 18.53 8.96
C THR A 61 -8.19 18.04 9.28
N LYS A 62 -8.98 18.92 9.90
CA LYS A 62 -10.37 18.64 10.29
C LYS A 62 -11.29 18.13 9.18
N SER A 63 -11.09 18.62 7.96
CA SER A 63 -11.95 18.21 6.85
C SER A 63 -11.72 16.75 6.48
N LEU A 64 -10.89 16.06 7.24
CA LEU A 64 -10.57 14.68 6.93
C LEU A 64 -10.72 13.63 8.03
N GLN A 65 -11.37 13.96 9.13
CA GLN A 65 -11.50 12.97 10.21
C GLN A 65 -12.45 11.83 9.89
N THR A 66 -12.79 11.66 8.61
CA THR A 66 -13.69 10.60 8.15
C THR A 66 -13.09 9.25 8.53
N PRO A 67 -13.83 8.40 9.27
CA PRO A 67 -13.36 7.08 9.70
C PRO A 67 -12.70 6.26 8.59
N ALA A 68 -13.21 6.43 7.37
CA ALA A 68 -12.69 5.70 6.23
C ALA A 68 -11.19 6.01 6.04
N ASN A 69 -10.83 7.25 6.27
CA ASN A 69 -9.46 7.68 6.08
C ASN A 69 -8.44 7.12 7.07
N MET A 70 -8.90 6.67 8.24
CA MET A 70 -7.97 6.13 9.20
C MET A 70 -7.26 5.02 8.51
N PHE A 71 -7.74 4.65 7.33
CA PHE A 71 -7.08 3.60 6.60
C PHE A 71 -5.89 4.23 5.90
N ILE A 72 -6.17 5.34 5.22
CA ILE A 72 -5.15 6.07 4.50
C ILE A 72 -3.97 6.20 5.45
N ILE A 73 -4.30 6.59 6.68
CA ILE A 73 -3.31 6.76 7.73
C ILE A 73 -2.53 5.46 7.83
N ASN A 74 -3.24 4.40 8.16
CA ASN A 74 -2.59 3.11 8.32
C ASN A 74 -1.64 2.85 7.19
N LEU A 75 -2.11 2.97 5.95
CA LEU A 75 -1.23 2.74 4.80
C LEU A 75 -0.03 3.68 4.79
N ALA A 76 -0.30 4.97 4.91
CA ALA A 76 0.79 5.93 4.93
C ALA A 76 1.77 5.42 5.97
N PHE A 77 1.25 4.87 7.06
CA PHE A 77 2.10 4.37 8.13
C PHE A 77 2.98 3.17 7.76
N SER A 78 2.32 2.13 7.26
CA SER A 78 2.99 0.90 6.88
C SER A 78 4.11 1.18 5.94
N ASP A 79 3.76 1.73 4.79
CA ASP A 79 4.72 2.04 3.77
C ASP A 79 5.85 2.96 4.23
N PHE A 80 5.65 3.61 5.36
CA PHE A 80 6.67 4.49 5.92
C PHE A 80 7.71 3.59 6.55
N THR A 81 7.28 2.96 7.63
CA THR A 81 8.08 2.03 8.40
C THR A 81 8.92 1.31 7.39
N PHE A 82 8.23 0.58 6.53
CA PHE A 82 8.86 -0.17 5.49
C PHE A 82 10.08 0.60 4.99
N SER A 83 9.83 1.68 4.27
CA SER A 83 10.88 2.52 3.73
C SER A 83 11.92 2.92 4.74
N LEU A 84 11.48 3.29 5.94
CA LEU A 84 12.42 3.67 6.98
C LEU A 84 13.44 2.55 7.08
N VAL A 85 12.97 1.43 7.59
CA VAL A 85 13.74 0.21 7.76
C VAL A 85 14.39 -0.37 6.50
N ASN A 86 13.56 -0.88 5.59
CA ASN A 86 14.03 -1.44 4.32
C ASN A 86 14.98 -0.52 3.60
N GLY A 87 14.84 0.76 3.87
CA GLY A 87 15.71 1.73 3.25
C GLY A 87 16.86 1.95 4.19
N PHE A 88 17.21 3.21 4.40
CA PHE A 88 18.29 3.60 5.29
C PHE A 88 17.95 3.40 6.75
N PRO A 89 18.94 3.05 7.58
CA PRO A 89 20.35 2.85 7.23
C PRO A 89 20.87 1.49 6.73
N LEU A 90 20.15 0.43 7.04
CA LEU A 90 20.62 -0.89 6.65
C LEU A 90 21.03 -1.07 5.19
N MET A 91 20.09 -1.29 4.29
CA MET A 91 20.48 -1.52 2.91
C MET A 91 21.43 -0.54 2.23
N THR A 92 21.28 0.75 2.48
CA THR A 92 22.16 1.67 1.80
C THR A 92 23.63 1.57 2.22
N ILE A 93 23.88 1.13 3.44
CA ILE A 93 25.26 0.99 3.88
C ILE A 93 25.79 -0.33 3.38
N SER A 94 25.01 -1.39 3.54
CA SER A 94 25.43 -2.68 3.07
C SER A 94 25.96 -2.41 1.66
N CYS A 95 25.15 -1.68 0.91
CA CYS A 95 25.49 -1.32 -0.46
C CYS A 95 26.75 -0.51 -0.58
N PHE A 96 26.85 0.63 0.10
CA PHE A 96 28.07 1.43 -0.01
C PHE A 96 29.32 0.66 0.34
N LEU A 97 29.15 -0.46 1.02
CA LEU A 97 30.27 -1.30 1.43
C LEU A 97 30.16 -2.73 0.90
N LYS A 98 29.58 -2.91 -0.28
CA LYS A 98 29.44 -4.24 -0.87
C LYS A 98 29.20 -5.40 0.09
N LYS A 99 28.98 -5.11 1.37
CA LYS A 99 28.74 -6.15 2.39
C LYS A 99 27.75 -5.70 3.47
N TRP A 100 27.00 -6.64 4.02
CA TRP A 100 25.97 -6.39 5.03
C TRP A 100 26.43 -6.30 6.51
N ILE A 101 27.06 -5.18 6.85
CA ILE A 101 27.58 -4.89 8.18
C ILE A 101 26.74 -5.30 9.38
N PHE A 102 25.44 -5.21 9.27
CA PHE A 102 24.60 -5.49 10.41
C PHE A 102 24.25 -6.93 10.80
N GLY A 103 23.94 -7.10 12.09
CA GLY A 103 23.60 -8.40 12.65
C GLY A 103 22.91 -9.47 11.79
N PHE A 104 22.82 -10.68 12.32
CA PHE A 104 22.15 -11.74 11.56
C PHE A 104 20.73 -11.34 11.79
N ALA A 105 20.37 -11.18 13.05
CA ALA A 105 19.02 -10.78 13.41
C ALA A 105 18.66 -9.49 12.66
N ALA A 106 19.69 -8.72 12.33
CA ALA A 106 19.46 -7.47 11.62
C ALA A 106 18.79 -7.91 10.36
N CYS A 107 19.42 -8.87 9.70
CA CYS A 107 18.89 -9.39 8.47
C CYS A 107 17.54 -10.06 8.63
N LYS A 108 17.28 -10.64 9.79
CA LYS A 108 16.02 -11.34 9.98
C LYS A 108 14.88 -10.37 10.06
N VAL A 109 15.14 -9.25 10.73
CA VAL A 109 14.14 -8.20 10.96
C VAL A 109 13.86 -7.43 9.68
N TYR A 110 14.92 -6.89 9.11
CA TYR A 110 14.82 -6.14 7.89
C TYR A 110 13.65 -6.70 7.09
N GLY A 111 13.67 -8.02 6.93
CA GLY A 111 12.62 -8.68 6.17
C GLY A 111 11.26 -8.69 6.84
N PHE A 112 11.21 -9.27 8.03
CA PHE A 112 9.97 -9.30 8.75
C PHE A 112 9.20 -7.98 8.53
N ILE A 113 9.90 -6.87 8.82
CA ILE A 113 9.35 -5.53 8.68
C ILE A 113 8.67 -5.48 7.31
N GLY A 114 9.49 -5.43 6.27
CA GLY A 114 9.00 -5.40 4.91
C GLY A 114 7.85 -6.39 4.84
N GLY A 115 8.07 -7.55 5.45
CA GLY A 115 7.04 -8.56 5.47
C GLY A 115 5.69 -8.04 5.92
N ILE A 116 5.64 -7.59 7.16
CA ILE A 116 4.39 -7.09 7.69
C ILE A 116 3.86 -6.05 6.76
N PHE A 117 4.67 -5.03 6.65
CA PHE A 117 4.38 -3.86 5.88
C PHE A 117 4.26 -3.92 4.36
N GLY A 118 4.21 -5.13 3.85
CA GLY A 118 4.02 -5.31 2.43
C GLY A 118 2.58 -5.73 2.54
N PHE A 119 2.36 -6.79 3.32
CA PHE A 119 1.01 -7.30 3.52
C PHE A 119 0.10 -6.24 4.05
N MET A 120 0.63 -5.37 4.90
CA MET A 120 -0.18 -4.34 5.49
C MET A 120 -0.75 -3.47 4.37
N SER A 121 0.14 -2.80 3.66
CA SER A 121 -0.31 -1.95 2.58
C SER A 121 -1.32 -2.68 1.75
N ILE A 122 -0.94 -3.80 1.14
CA ILE A 122 -1.90 -4.53 0.30
C ILE A 122 -3.21 -4.88 1.03
N MET A 123 -3.12 -5.67 2.09
CA MET A 123 -4.31 -6.05 2.80
C MET A 123 -5.16 -4.85 3.10
N THR A 124 -4.53 -3.74 3.48
CA THR A 124 -5.29 -2.51 3.78
C THR A 124 -6.16 -2.05 2.60
N MET A 125 -5.53 -1.89 1.43
CA MET A 125 -6.26 -1.46 0.25
C MET A 125 -7.56 -2.21 0.18
N ALA A 126 -7.50 -3.48 0.53
CA ALA A 126 -8.69 -4.29 0.54
C ALA A 126 -9.69 -3.53 1.39
N MET A 127 -9.38 -3.38 2.68
CA MET A 127 -10.26 -2.66 3.59
C MET A 127 -10.86 -1.41 2.96
N ILE A 128 -10.01 -0.59 2.35
CA ILE A 128 -10.51 0.60 1.70
C ILE A 128 -11.55 0.12 0.72
N SER A 129 -11.09 -0.66 -0.26
CA SER A 129 -11.97 -1.18 -1.28
C SER A 129 -13.28 -1.70 -0.70
N ILE A 130 -13.26 -2.19 0.53
CA ILE A 130 -14.50 -2.67 1.13
C ILE A 130 -15.36 -1.43 1.29
N ASP A 131 -14.77 -0.37 1.84
CA ASP A 131 -15.50 0.86 2.05
C ASP A 131 -16.16 1.35 0.78
N ARG A 132 -15.37 1.57 -0.27
CA ARG A 132 -15.94 2.06 -1.52
C ARG A 132 -17.15 1.25 -1.94
N TYR A 133 -17.09 -0.07 -1.78
CA TYR A 133 -18.21 -0.89 -2.15
C TYR A 133 -19.44 -0.47 -1.34
N ASN A 134 -19.24 -0.20 -0.05
CA ASN A 134 -20.35 0.21 0.83
C ASN A 134 -20.81 1.64 0.56
N VAL A 135 -20.14 2.33 -0.37
CA VAL A 135 -20.49 3.71 -0.69
C VAL A 135 -20.85 3.85 -2.18
N ILE A 136 -20.47 2.87 -2.99
CA ILE A 136 -20.73 2.92 -4.44
C ILE A 136 -21.33 1.68 -5.15
N GLY A 137 -20.85 0.48 -4.81
CA GLY A 137 -21.36 -0.72 -5.45
C GLY A 137 -22.78 -1.10 -5.05
N ARG A 138 -23.08 -0.98 -3.76
CA ARG A 138 -24.42 -1.30 -3.28
C ARG A 138 -25.31 -0.18 -3.76
N PRO A 139 -26.59 -0.49 -4.04
CA PRO A 139 -27.60 0.47 -4.52
C PRO A 139 -27.67 1.67 -3.57
N MET A 140 -27.81 2.87 -4.15
CA MET A 140 -27.87 4.10 -3.36
C MET A 140 -28.62 3.91 -2.03
N ALA A 141 -29.79 3.30 -2.13
CA ALA A 141 -30.65 3.06 -0.97
C ALA A 141 -29.99 2.38 0.24
N ALA A 142 -29.16 1.37 -0.01
CA ALA A 142 -28.49 0.60 1.05
C ALA A 142 -27.11 1.02 1.57
N SER A 143 -26.51 2.04 0.96
CA SER A 143 -25.18 2.54 1.34
C SER A 143 -24.94 2.80 2.82
N LYS A 144 -23.71 2.51 3.25
CA LYS A 144 -23.27 2.70 4.63
C LYS A 144 -21.88 3.31 4.58
N LYS A 145 -21.73 4.54 5.04
CA LYS A 145 -20.41 5.16 5.04
C LYS A 145 -19.64 4.55 6.22
N MET A 146 -18.31 4.66 6.19
CA MET A 146 -17.49 4.08 7.25
C MET A 146 -17.65 4.73 8.64
N SER A 147 -17.55 3.89 9.68
CA SER A 147 -17.69 4.35 11.06
C SER A 147 -16.44 4.08 11.93
N HIS A 148 -16.04 5.09 12.71
CA HIS A 148 -14.88 4.98 13.59
C HIS A 148 -14.76 3.56 14.18
N ARG A 149 -15.89 2.92 14.48
CA ARG A 149 -15.86 1.59 15.05
C ARG A 149 -15.35 0.59 14.03
N ARG A 150 -16.24 0.16 13.12
CA ARG A 150 -15.86 -0.80 12.09
C ARG A 150 -14.41 -0.60 11.71
N ALA A 151 -14.10 0.60 11.25
CA ALA A 151 -12.76 0.94 10.83
C ALA A 151 -11.69 0.33 11.75
N PHE A 152 -11.61 0.84 12.96
CA PHE A 152 -10.63 0.39 13.95
C PHE A 152 -10.60 -1.13 14.14
N ILE A 153 -11.71 -1.82 13.90
CA ILE A 153 -11.69 -3.26 14.08
C ILE A 153 -10.87 -3.79 12.91
N MET A 154 -11.30 -3.41 11.72
CA MET A 154 -10.65 -3.82 10.50
C MET A 154 -9.15 -3.62 10.62
N ILE A 155 -8.75 -2.42 10.98
CA ILE A 155 -7.35 -2.13 11.19
C ILE A 155 -6.76 -3.33 11.92
N ILE A 156 -7.26 -3.56 13.13
CA ILE A 156 -6.77 -4.63 13.97
C ILE A 156 -6.85 -5.97 13.27
N PHE A 157 -7.84 -6.17 12.41
CA PHE A 157 -7.91 -7.44 11.70
C PHE A 157 -6.69 -7.40 10.83
N VAL A 158 -6.56 -6.30 10.11
CA VAL A 158 -5.42 -6.16 9.24
C VAL A 158 -4.19 -6.50 10.03
N TRP A 159 -3.78 -5.62 10.91
CA TRP A 159 -2.57 -5.91 11.65
C TRP A 159 -2.38 -7.42 11.97
N LEU A 160 -3.07 -7.96 12.98
CA LEU A 160 -2.91 -9.38 13.31
C LEU A 160 -2.47 -10.13 12.06
N TRP A 161 -3.27 -9.97 11.03
CA TRP A 161 -3.04 -10.63 9.75
C TRP A 161 -1.68 -10.28 9.21
N SER A 162 -1.52 -9.04 8.75
CA SER A 162 -0.25 -8.59 8.21
C SER A 162 0.87 -9.36 8.87
N VAL A 163 0.92 -9.29 10.19
CA VAL A 163 1.95 -10.00 10.93
C VAL A 163 1.91 -11.53 10.73
N LEU A 164 0.79 -12.14 11.12
CA LEU A 164 0.65 -13.59 11.01
C LEU A 164 1.47 -14.23 9.89
N TRP A 165 1.14 -13.89 8.67
CA TRP A 165 1.78 -14.45 7.48
C TRP A 165 3.22 -14.09 7.19
N ALA A 166 3.83 -13.29 8.06
CA ALA A 166 5.19 -12.89 7.83
C ALA A 166 5.94 -13.30 9.07
N ILE A 167 5.22 -13.75 10.09
CA ILE A 167 5.90 -14.13 11.30
C ILE A 167 6.41 -15.55 11.18
N GLY A 168 5.86 -16.29 10.22
CA GLY A 168 6.26 -17.67 10.00
C GLY A 168 7.76 -17.83 10.11
N PRO A 169 8.53 -17.25 9.17
CA PRO A 169 9.99 -17.34 9.15
C PRO A 169 10.69 -17.10 10.51
N ILE A 170 10.11 -16.22 11.31
CA ILE A 170 10.70 -15.89 12.60
C ILE A 170 10.71 -17.10 13.53
N PHE A 171 10.09 -18.18 13.08
CA PHE A 171 10.04 -19.42 13.85
C PHE A 171 10.46 -20.59 12.96
N GLY A 172 11.44 -20.40 12.08
CA GLY A 172 11.91 -21.48 11.20
C GLY A 172 11.06 -22.07 10.04
N TRP A 173 9.79 -21.65 9.93
CA TRP A 173 8.91 -22.10 8.85
C TRP A 173 9.21 -21.11 7.75
N GLY A 174 10.09 -21.49 6.84
CA GLY A 174 10.49 -20.58 5.79
C GLY A 174 11.69 -19.96 6.44
N ALA A 175 12.07 -18.74 6.06
CA ALA A 175 13.24 -18.06 6.66
C ALA A 175 13.63 -16.84 5.84
N TYR A 176 14.35 -15.91 6.47
CA TYR A 176 14.80 -14.68 5.81
C TYR A 176 16.35 -14.67 5.78
N THR A 177 16.97 -14.43 4.62
CA THR A 177 18.46 -14.34 4.56
C THR A 177 18.84 -13.25 3.58
N LEU A 178 20.06 -13.27 3.04
CA LEU A 178 20.47 -12.24 2.11
C LEU A 178 19.95 -12.65 0.74
N GLU A 179 20.11 -11.77 -0.24
CA GLU A 179 19.68 -12.07 -1.59
C GLU A 179 20.42 -11.22 -2.61
N GLY A 180 19.89 -11.23 -3.82
CA GLY A 180 20.49 -10.47 -4.89
C GLY A 180 21.98 -10.27 -4.70
N VAL A 181 22.32 -9.02 -4.50
CA VAL A 181 23.70 -8.68 -4.36
C VAL A 181 24.10 -8.72 -2.91
N LEU A 182 23.34 -9.50 -2.15
CA LEU A 182 23.61 -9.69 -0.73
C LEU A 182 23.69 -8.40 0.12
N CYS A 183 23.07 -7.33 -0.34
CA CYS A 183 23.09 -6.11 0.46
C CYS A 183 21.81 -5.90 1.20
N ASN A 184 20.69 -6.24 0.58
CA ASN A 184 19.43 -6.13 1.29
C ASN A 184 19.28 -7.49 1.89
N CYS A 185 18.09 -7.83 2.34
CA CYS A 185 17.84 -9.12 2.94
C CYS A 185 16.49 -9.40 2.34
N SER A 186 15.92 -10.59 2.56
CA SER A 186 14.62 -10.92 1.96
C SER A 186 14.14 -12.28 2.45
N PHE A 187 13.01 -12.79 1.93
CA PHE A 187 12.53 -14.11 2.35
C PHE A 187 13.23 -15.23 1.57
N ASP A 188 13.20 -16.47 2.07
CA ASP A 188 13.88 -17.53 1.33
C ASP A 188 12.96 -18.20 0.34
N TYR A 189 13.29 -17.98 -0.92
CA TYR A 189 12.54 -18.51 -2.04
C TYR A 189 13.42 -19.47 -2.85
N ILE A 190 14.66 -19.68 -2.40
CA ILE A 190 15.55 -20.61 -3.08
C ILE A 190 15.29 -22.04 -2.55
N SER A 191 15.85 -22.41 -1.40
CA SER A 191 15.64 -23.74 -0.81
C SER A 191 14.24 -24.29 -1.04
N ARG A 192 14.14 -25.44 -1.69
CA ARG A 192 12.85 -26.03 -1.98
C ARG A 192 12.48 -27.19 -1.06
N ASP A 193 12.78 -27.08 0.22
CA ASP A 193 12.44 -28.15 1.14
C ASP A 193 10.96 -28.04 1.51
N SER A 194 10.41 -29.09 2.11
CA SER A 194 9.00 -29.11 2.50
C SER A 194 8.60 -27.95 3.40
N THR A 195 9.48 -27.62 4.36
CA THR A 195 9.19 -26.54 5.30
C THR A 195 9.18 -25.15 4.65
N THR A 196 10.28 -24.75 4.03
CA THR A 196 10.31 -23.44 3.40
C THR A 196 9.20 -23.32 2.35
N ARG A 197 9.23 -24.19 1.35
CA ARG A 197 8.24 -24.15 0.30
C ARG A 197 6.82 -24.05 0.87
N SER A 198 6.52 -24.78 1.94
CA SER A 198 5.18 -24.71 2.50
C SER A 198 4.79 -23.29 2.90
N ASN A 199 5.68 -22.59 3.60
CA ASN A 199 5.42 -21.20 4.01
C ASN A 199 5.21 -20.35 2.77
N ILE A 200 6.20 -20.38 1.88
CA ILE A 200 6.17 -19.59 0.67
C ILE A 200 4.78 -19.56 0.04
N LEU A 201 4.17 -20.72 -0.15
CA LEU A 201 2.85 -20.73 -0.77
C LEU A 201 1.78 -20.04 0.05
N CYS A 202 1.80 -20.23 1.36
CA CYS A 202 0.82 -19.55 2.16
C CYS A 202 1.01 -18.05 1.88
N MET A 203 2.26 -17.59 2.02
CA MET A 203 2.62 -16.21 1.78
C MET A 203 1.89 -15.67 0.54
N PHE A 204 2.04 -16.35 -0.59
CA PHE A 204 1.39 -15.95 -1.85
C PHE A 204 -0.15 -15.96 -1.81
N ILE A 205 -0.73 -17.07 -1.35
CA ILE A 205 -2.18 -17.21 -1.29
C ILE A 205 -2.78 -16.38 -0.20
N LEU A 206 -2.17 -16.45 0.96
CA LEU A 206 -2.72 -15.74 2.09
C LEU A 206 -2.37 -14.28 2.24
N GLY A 207 -1.10 -13.91 2.09
CA GLY A 207 -0.72 -12.52 2.26
C GLY A 207 -0.86 -11.68 1.01
N PHE A 208 -1.22 -12.33 -0.10
CA PHE A 208 -1.33 -11.62 -1.36
C PHE A 208 -2.54 -11.87 -2.26
N PHE A 209 -2.77 -13.12 -2.64
CA PHE A 209 -3.93 -13.37 -3.48
C PHE A 209 -5.15 -13.09 -2.61
N GLY A 210 -5.18 -13.73 -1.45
CA GLY A 210 -6.29 -13.55 -0.54
C GLY A 210 -6.86 -12.15 -0.61
N PRO A 211 -6.01 -11.11 -0.53
CA PRO A 211 -6.52 -9.74 -0.61
C PRO A 211 -7.06 -9.46 -2.02
N ILE A 212 -6.20 -9.64 -3.02
CA ILE A 212 -6.55 -9.40 -4.42
C ILE A 212 -7.96 -9.88 -4.76
N LEU A 213 -8.30 -11.10 -4.36
CA LEU A 213 -9.63 -11.61 -4.63
C LEU A 213 -10.61 -10.55 -4.17
N ILE A 214 -10.48 -10.15 -2.92
CA ILE A 214 -11.37 -9.15 -2.34
C ILE A 214 -11.35 -7.85 -3.11
N ILE A 215 -10.16 -7.34 -3.36
CA ILE A 215 -10.04 -6.09 -4.10
C ILE A 215 -10.85 -6.18 -5.37
N PHE A 216 -10.50 -7.15 -6.21
CA PHE A 216 -11.19 -7.35 -7.49
C PHE A 216 -12.69 -7.52 -7.29
N PHE A 217 -13.05 -8.39 -6.36
CA PHE A 217 -14.44 -8.63 -6.06
C PHE A 217 -15.23 -7.34 -5.90
N CYS A 218 -14.59 -6.31 -5.37
CA CYS A 218 -15.27 -5.03 -5.19
C CYS A 218 -15.33 -4.23 -6.49
N TYR A 219 -14.16 -3.75 -6.94
CA TYR A 219 -14.10 -2.95 -8.15
C TYR A 219 -14.68 -3.59 -9.42
N PHE A 220 -15.55 -4.56 -9.21
CA PHE A 220 -16.25 -5.20 -10.30
C PHE A 220 -17.63 -4.87 -9.79
N ASN A 221 -18.02 -5.48 -8.68
CA ASN A 221 -19.34 -5.23 -8.13
C ASN A 221 -19.65 -3.74 -8.20
N ILE A 222 -18.62 -2.90 -8.20
CA ILE A 222 -18.86 -1.46 -8.29
C ILE A 222 -19.08 -1.12 -9.74
N VAL A 223 -18.08 -1.38 -10.57
CA VAL A 223 -18.17 -1.12 -11.99
C VAL A 223 -19.56 -1.51 -12.54
N MET A 224 -19.95 -2.76 -12.34
CA MET A 224 -21.23 -3.25 -12.81
C MET A 224 -22.44 -2.49 -12.25
N SER A 225 -22.36 -2.04 -11.00
CA SER A 225 -23.49 -1.33 -10.41
C SER A 225 -23.51 0.17 -10.76
N VAL A 226 -22.73 0.58 -11.77
CA VAL A 226 -22.76 1.98 -12.18
C VAL A 226 -23.82 2.06 -13.25
N SER A 227 -23.92 0.98 -14.04
CA SER A 227 -24.91 0.88 -15.10
C SER A 227 -26.20 1.38 -14.46
N ASN A 228 -26.55 0.74 -13.35
CA ASN A 228 -27.75 1.04 -12.57
C ASN A 228 -27.82 2.45 -12.00
N HIS A 229 -26.65 3.03 -11.69
CA HIS A 229 -26.60 4.37 -11.11
C HIS A 229 -27.20 5.53 -11.93
N GLU A 230 -27.05 5.53 -13.24
CA GLU A 230 -27.57 6.60 -14.08
C GLU A 230 -29.09 6.71 -14.06
N LYS A 231 -29.75 5.60 -13.76
CA LYS A 231 -31.22 5.54 -13.68
C LYS A 231 -31.57 6.06 -12.29
N GLU A 232 -30.71 5.77 -11.31
CA GLU A 232 -30.95 6.21 -9.94
C GLU A 232 -30.58 7.69 -9.73
N MET A 233 -29.67 8.22 -10.57
CA MET A 233 -29.26 9.62 -10.47
C MET A 233 -30.10 10.51 -11.39
N ALA A 234 -30.97 9.87 -12.18
CA ALA A 234 -31.88 10.56 -13.10
C ALA A 234 -33.32 10.37 -12.57
N ALA A 235 -33.61 9.18 -12.03
CA ALA A 235 -34.94 8.80 -11.46
C ALA A 235 -35.17 9.35 -10.04
N MET A 236 -34.11 9.70 -9.34
CA MET A 236 -34.30 10.31 -8.04
C MET A 236 -33.71 11.69 -8.27
N ALA A 237 -33.76 12.10 -9.55
CA ALA A 237 -33.27 13.41 -10.00
C ALA A 237 -34.52 14.16 -10.46
N LYS A 238 -35.65 13.47 -10.32
CA LYS A 238 -36.97 14.00 -10.67
C LYS A 238 -37.65 14.53 -9.40
N ARG A 239 -37.55 13.74 -8.33
CA ARG A 239 -38.15 14.01 -7.02
C ARG A 239 -37.52 15.20 -6.23
N LEU A 240 -36.50 15.85 -6.79
CA LEU A 240 -35.77 16.95 -6.11
C LEU A 240 -35.64 18.40 -6.66
N ASN A 241 -35.20 19.30 -5.77
CA ASN A 241 -34.97 20.70 -6.12
C ASN A 241 -33.70 20.88 -7.00
N ALA A 242 -33.35 22.12 -7.35
CA ALA A 242 -32.17 22.40 -8.20
C ALA A 242 -30.82 22.41 -7.45
N LYS A 243 -30.88 22.35 -6.12
CA LYS A 243 -29.67 22.36 -5.28
C LYS A 243 -29.51 21.10 -4.43
N GLU A 244 -30.52 20.22 -4.43
CA GLU A 244 -30.39 19.01 -3.64
C GLU A 244 -29.97 17.89 -4.63
N LEU A 245 -30.08 18.18 -5.93
CA LEU A 245 -29.69 17.21 -6.95
C LEU A 245 -28.19 17.31 -7.06
N ARG A 246 -27.69 18.54 -6.99
CA ARG A 246 -26.27 18.74 -7.04
C ARG A 246 -25.65 18.10 -5.81
N LYS A 247 -26.35 18.17 -4.67
CA LYS A 247 -25.82 17.57 -3.46
C LYS A 247 -25.76 16.04 -3.63
N ALA A 248 -26.63 15.51 -4.50
CA ALA A 248 -26.69 14.07 -4.76
C ALA A 248 -25.71 13.63 -5.83
N GLN A 249 -25.52 14.46 -6.83
CA GLN A 249 -24.59 14.12 -7.89
C GLN A 249 -23.18 14.48 -7.47
N ALA A 250 -23.01 15.62 -6.80
CA ALA A 250 -21.69 16.02 -6.36
C ALA A 250 -21.17 14.99 -5.35
N GLY A 251 -22.06 14.54 -4.47
CA GLY A 251 -21.67 13.57 -3.46
C GLY A 251 -21.51 12.19 -4.07
N ALA A 252 -21.90 12.05 -5.33
CA ALA A 252 -21.81 10.79 -6.03
C ALA A 252 -20.68 10.93 -7.06
N ASN A 253 -20.30 12.17 -7.35
CA ASN A 253 -19.23 12.43 -8.29
C ASN A 253 -17.90 12.44 -7.55
N ALA A 254 -17.95 12.67 -6.24
CA ALA A 254 -16.74 12.73 -5.42
C ALA A 254 -16.26 11.36 -4.94
N GLU A 255 -17.08 10.68 -4.13
CA GLU A 255 -16.72 9.38 -3.62
C GLU A 255 -16.13 8.61 -4.81
N MET A 256 -16.82 8.69 -5.94
CA MET A 256 -16.38 8.04 -7.17
C MET A 256 -14.86 8.22 -7.25
N ARG A 257 -14.42 9.47 -7.40
CA ARG A 257 -13.00 9.80 -7.49
C ARG A 257 -12.17 9.03 -6.46
N LEU A 258 -12.54 9.13 -5.18
CA LEU A 258 -11.79 8.44 -4.14
C LEU A 258 -11.57 7.01 -4.61
N ALA A 259 -12.66 6.37 -4.99
CA ALA A 259 -12.57 5.00 -5.47
C ALA A 259 -11.64 4.89 -6.69
N LYS A 260 -11.69 5.89 -7.57
CA LYS A 260 -10.84 5.88 -8.77
C LYS A 260 -9.37 5.97 -8.38
N ILE A 261 -9.12 6.79 -7.37
CA ILE A 261 -7.77 6.96 -6.90
C ILE A 261 -7.24 5.66 -6.36
N SER A 262 -7.90 5.13 -5.33
CA SER A 262 -7.46 3.88 -4.74
C SER A 262 -7.28 2.82 -5.81
N ILE A 263 -8.00 2.93 -6.92
CA ILE A 263 -7.79 1.93 -7.96
C ILE A 263 -6.39 2.16 -8.50
N VAL A 264 -6.07 3.40 -8.84
CA VAL A 264 -4.75 3.67 -9.37
C VAL A 264 -3.62 3.25 -8.40
N ILE A 265 -3.93 3.11 -7.11
CA ILE A 265 -2.93 2.68 -6.11
C ILE A 265 -2.75 1.19 -6.30
N VAL A 266 -3.83 0.44 -6.14
CA VAL A 266 -3.77 -1.01 -6.30
C VAL A 266 -3.17 -1.25 -7.66
N SER A 267 -3.32 -0.29 -8.55
CA SER A 267 -2.73 -0.43 -9.86
C SER A 267 -1.25 -0.39 -9.52
N GLN A 268 -0.84 0.62 -8.76
CA GLN A 268 0.57 0.75 -8.37
C GLN A 268 1.12 -0.49 -7.69
N PHE A 269 0.57 -0.83 -6.52
CA PHE A 269 1.04 -1.98 -5.76
C PHE A 269 1.22 -3.23 -6.60
N LEU A 270 0.20 -3.56 -7.39
CA LEU A 270 0.23 -4.77 -8.23
C LEU A 270 1.46 -4.88 -9.12
N LEU A 271 1.80 -3.80 -9.80
CA LEU A 271 2.91 -3.76 -10.74
C LEU A 271 4.32 -3.78 -10.14
N SER A 272 4.51 -3.12 -9.02
CA SER A 272 5.83 -3.10 -8.44
C SER A 272 6.23 -4.39 -7.74
N TRP A 273 5.26 -5.10 -7.17
CA TRP A 273 5.64 -6.31 -6.49
C TRP A 273 5.67 -7.53 -7.42
N SER A 274 4.57 -7.81 -8.10
CA SER A 274 4.52 -8.99 -8.96
C SER A 274 5.77 -9.38 -9.78
N PRO A 275 6.42 -8.43 -10.48
CA PRO A 275 7.62 -8.81 -11.26
C PRO A 275 8.58 -9.58 -10.38
N TYR A 276 8.96 -8.98 -9.26
CA TYR A 276 9.85 -9.66 -8.33
C TYR A 276 9.08 -10.94 -7.98
N ALA A 277 7.85 -10.77 -7.53
CA ALA A 277 7.01 -11.90 -7.14
C ALA A 277 7.17 -13.04 -8.13
N VAL A 278 7.14 -12.70 -9.40
CA VAL A 278 7.27 -13.69 -10.45
C VAL A 278 8.65 -14.31 -10.25
N VAL A 279 9.69 -13.48 -10.29
CA VAL A 279 11.04 -13.96 -10.11
C VAL A 279 11.08 -14.95 -8.95
N ALA A 280 10.36 -14.63 -7.88
CA ALA A 280 10.34 -15.50 -6.70
C ALA A 280 9.93 -16.90 -7.08
N LEU A 281 8.67 -17.03 -7.46
CA LEU A 281 8.17 -18.34 -7.82
C LEU A 281 9.10 -19.04 -8.79
N LEU A 282 9.55 -18.34 -9.83
CA LEU A 282 10.46 -18.99 -10.77
C LEU A 282 11.55 -19.66 -9.94
N ALA A 283 12.37 -18.86 -9.29
CA ALA A 283 13.43 -19.40 -8.48
C ALA A 283 12.95 -20.51 -7.52
N GLN A 284 11.64 -20.62 -7.29
CA GLN A 284 11.14 -21.65 -6.38
C GLN A 284 10.60 -22.84 -7.13
N PHE A 285 10.31 -22.68 -8.42
CA PHE A 285 9.75 -23.78 -9.19
C PHE A 285 10.39 -24.09 -10.56
N GLY A 286 10.95 -23.09 -11.23
CA GLY A 286 11.54 -23.32 -12.54
C GLY A 286 13.05 -23.19 -12.73
N PRO A 287 13.49 -22.55 -13.84
CA PRO A 287 14.91 -22.36 -14.16
C PRO A 287 15.76 -21.56 -13.16
N LEU A 288 16.13 -22.16 -12.04
CA LEU A 288 16.95 -21.46 -11.06
C LEU A 288 18.17 -20.85 -11.74
N GLU A 289 18.64 -21.47 -12.82
CA GLU A 289 19.83 -20.96 -13.53
C GLU A 289 19.59 -19.54 -14.05
N TRP A 290 18.31 -19.21 -14.26
CA TRP A 290 17.93 -17.88 -14.76
C TRP A 290 18.07 -16.79 -13.69
N VAL A 291 17.48 -17.02 -12.52
CA VAL A 291 17.52 -16.07 -11.42
C VAL A 291 18.90 -15.47 -11.10
N THR A 292 19.49 -14.79 -12.08
CA THR A 292 20.80 -14.16 -11.91
C THR A 292 20.66 -12.95 -11.01
N PRO A 293 21.80 -12.39 -10.59
CA PRO A 293 21.79 -11.21 -9.72
C PRO A 293 20.68 -10.22 -10.07
N TYR A 294 20.77 -9.63 -11.24
CA TYR A 294 19.75 -8.67 -11.64
C TYR A 294 18.35 -9.27 -11.69
N ALA A 295 18.28 -10.59 -11.88
CA ALA A 295 17.00 -11.27 -11.96
C ALA A 295 16.23 -11.07 -10.66
N ALA A 296 16.95 -10.89 -9.56
CA ALA A 296 16.27 -10.69 -8.31
C ALA A 296 16.42 -9.28 -7.81
N GLN A 297 17.65 -8.78 -7.71
CA GLN A 297 17.87 -7.43 -7.21
C GLN A 297 17.22 -6.33 -8.08
N LEU A 298 17.55 -6.17 -9.36
CA LEU A 298 16.89 -5.09 -10.11
C LEU A 298 15.35 -5.05 -9.91
N PRO A 299 14.66 -6.22 -9.88
CA PRO A 299 13.19 -6.13 -9.68
C PRO A 299 12.74 -5.94 -8.22
N VAL A 300 13.51 -6.44 -7.26
CA VAL A 300 13.12 -6.26 -5.88
C VAL A 300 13.20 -4.79 -5.53
N MET A 301 13.87 -3.99 -6.34
CA MET A 301 13.94 -2.56 -6.06
C MET A 301 12.57 -2.00 -6.36
N PHE A 302 12.16 -2.03 -7.63
CA PHE A 302 10.86 -1.51 -8.00
C PHE A 302 9.81 -1.85 -6.92
N ALA A 303 9.82 -3.08 -6.41
CA ALA A 303 8.87 -3.54 -5.40
C ALA A 303 9.01 -2.90 -4.00
N LYS A 304 10.22 -2.56 -3.60
CA LYS A 304 10.38 -1.92 -2.30
C LYS A 304 9.84 -0.52 -2.52
N ALA A 305 10.19 0.05 -3.68
CA ALA A 305 9.77 1.40 -4.08
C ALA A 305 8.26 1.59 -3.99
N SER A 306 7.54 0.50 -4.20
CA SER A 306 6.09 0.51 -4.15
C SER A 306 5.56 1.19 -2.93
N ALA A 307 6.38 1.32 -1.90
CA ALA A 307 5.92 1.93 -0.67
C ALA A 307 6.04 3.45 -0.56
N ILE A 308 6.38 4.12 -1.66
CA ILE A 308 6.51 5.57 -1.64
C ILE A 308 5.77 6.32 -2.73
N HIS A 309 4.88 5.64 -3.45
CA HIS A 309 4.13 6.29 -4.52
C HIS A 309 2.85 6.96 -4.05
N ASN A 310 2.02 6.20 -3.36
CA ASN A 310 0.78 6.75 -2.87
C ASN A 310 0.88 8.26 -2.66
N PRO A 311 1.72 8.71 -1.70
CA PRO A 311 1.76 10.17 -1.55
C PRO A 311 1.85 10.91 -2.89
N MET A 312 2.85 10.60 -3.70
CA MET A 312 2.97 11.29 -4.98
C MET A 312 1.68 11.19 -5.75
N ILE A 313 1.15 9.98 -5.86
CA ILE A 313 -0.09 9.77 -6.58
C ILE A 313 -1.15 10.70 -5.98
N TYR A 314 -1.43 10.59 -4.68
CA TYR A 314 -2.42 11.46 -4.05
C TYR A 314 -2.15 12.92 -4.43
N SER A 315 -0.93 13.36 -4.22
CA SER A 315 -0.57 14.75 -4.51
C SER A 315 -0.76 15.19 -5.95
N VAL A 316 -1.49 14.43 -6.74
CA VAL A 316 -1.71 14.79 -8.14
C VAL A 316 -3.15 14.44 -8.44
N SER A 317 -3.87 14.01 -7.41
CA SER A 317 -5.25 13.62 -7.65
C SER A 317 -6.28 13.64 -6.53
N HIS A 318 -5.85 13.78 -5.27
CA HIS A 318 -6.81 13.82 -4.17
C HIS A 318 -7.11 15.28 -3.92
N PRO A 319 -8.40 15.63 -3.78
CA PRO A 319 -8.72 17.04 -3.53
C PRO A 319 -8.38 17.53 -2.12
N LYS A 320 -9.29 17.31 -1.16
CA LYS A 320 -9.07 17.72 0.22
C LYS A 320 -7.58 17.72 0.63
N PHE A 321 -6.80 16.76 0.11
CA PHE A 321 -5.37 16.67 0.43
C PHE A 321 -4.71 17.91 -0.11
N ARG A 322 -4.57 17.97 -1.44
CA ARG A 322 -3.94 19.12 -2.06
C ARG A 322 -4.34 20.41 -1.32
N GLU A 323 -5.58 20.47 -0.89
CA GLU A 323 -6.08 21.63 -0.13
C GLU A 323 -5.10 21.89 1.00
N ALA A 324 -4.95 20.91 1.88
CA ALA A 324 -4.04 21.01 3.00
C ALA A 324 -2.58 21.18 2.59
N ILE A 325 -2.15 20.49 1.54
CA ILE A 325 -0.77 20.62 1.09
C ILE A 325 -0.49 22.12 0.97
N SER A 326 -1.10 22.70 -0.06
CA SER A 326 -1.02 24.10 -0.41
C SER A 326 -1.05 25.13 0.71
N GLN A 327 -1.79 24.85 1.79
CA GLN A 327 -1.89 25.80 2.90
C GLN A 327 -0.67 25.80 3.82
N THR A 328 -0.05 24.64 3.99
CA THR A 328 1.13 24.53 4.84
C THR A 328 2.35 24.20 4.01
N PHE A 329 2.18 23.34 3.01
CA PHE A 329 3.30 22.95 2.17
C PHE A 329 2.99 23.04 0.69
N PRO A 330 2.93 24.27 0.16
CA PRO A 330 2.64 24.43 -1.27
C PRO A 330 3.85 24.06 -2.13
N TRP A 331 5.02 24.51 -1.70
CA TRP A 331 6.27 24.26 -2.41
C TRP A 331 6.36 22.86 -3.00
N VAL A 332 5.60 21.93 -2.46
CA VAL A 332 5.61 20.58 -2.99
C VAL A 332 4.74 20.54 -4.23
N LEU A 333 3.57 21.18 -4.16
CA LEU A 333 2.66 21.20 -5.30
C LEU A 333 3.21 22.11 -6.38
N THR A 334 4.49 22.44 -6.27
CA THR A 334 5.15 23.31 -7.23
C THR A 334 4.98 22.88 -8.70
N CYS A 335 4.83 21.57 -8.95
CA CYS A 335 4.70 21.11 -10.33
C CYS A 335 3.38 20.44 -10.63
N CYS A 336 2.38 20.81 -9.84
CA CYS A 336 1.05 20.25 -9.94
C CYS A 336 0.28 21.12 -8.97
N GLN A 337 0.35 22.44 -9.17
CA GLN A 337 -0.32 23.44 -8.32
C GLN A 337 -1.82 23.29 -8.06
N PHE A 338 -2.31 23.99 -7.03
CA PHE A 338 -3.71 23.94 -6.63
C PHE A 338 -4.56 25.08 -7.18
N ASP A 339 -5.89 24.85 -7.27
CA ASP A 339 -6.87 25.86 -7.73
C ASP A 339 -8.16 25.70 -6.89
N ASP A 340 -8.68 26.77 -6.29
CA ASP A 340 -9.88 26.71 -5.45
C ASP A 340 -11.09 25.92 -6.01
N LYS A 341 -11.10 25.64 -7.32
CA LYS A 341 -12.18 24.92 -8.03
C LYS A 341 -12.55 23.50 -7.54
N GLU A 342 -11.57 22.60 -7.60
CA GLU A 342 -11.69 21.17 -7.22
C GLU A 342 -12.51 20.85 -5.94
N THR A 343 -12.22 21.55 -4.85
CA THR A 343 -12.90 21.33 -3.56
C THR A 343 -14.39 21.68 -3.49
N GLU A 344 -14.88 22.40 -4.48
CA GLU A 344 -16.30 22.76 -4.49
C GLU A 344 -17.13 21.46 -4.49
N ASP A 345 -16.91 20.63 -5.50
CA ASP A 345 -17.61 19.35 -5.64
C ASP A 345 -17.87 18.69 -4.28
N ASP A 346 -16.83 18.66 -3.43
CA ASP A 346 -16.90 18.07 -2.09
C ASP A 346 -17.83 18.91 -1.18
N LYS A 347 -17.29 20.00 -0.64
CA LYS A 347 -18.04 20.90 0.24
C LYS A 347 -19.57 20.75 0.15
N ASP A 348 -20.13 20.98 -1.04
CA ASP A 348 -21.59 20.89 -1.20
C ASP A 348 -22.19 19.57 -0.69
N ALA A 349 -21.32 18.62 -0.35
CA ALA A 349 -21.76 17.34 0.19
C ALA A 349 -22.17 17.60 1.64
N GLU A 350 -21.53 18.57 2.28
CA GLU A 350 -21.85 18.91 3.67
C GLU A 350 -22.58 20.25 3.85
N THR A 351 -23.81 20.35 3.37
CA THR A 351 -24.61 21.58 3.57
C THR A 351 -25.76 21.00 4.39
N GLU A 352 -26.46 21.85 5.13
CA GLU A 352 -27.56 21.32 5.94
C GLU A 352 -29.02 21.37 5.36
N ILE A 353 -29.95 20.81 6.14
CA ILE A 353 -31.38 20.59 5.77
C ILE A 353 -32.68 21.50 5.89
N PRO A 354 -32.83 22.35 6.94
CA PRO A 354 -34.08 23.16 7.02
C PRO A 354 -34.64 24.06 5.87
N ALA A 355 -35.43 23.44 4.98
CA ALA A 355 -36.11 24.06 3.82
C ALA A 355 -35.69 23.55 2.44
N GLY A 356 -36.22 22.38 2.06
CA GLY A 356 -35.92 21.76 0.77
C GLY A 356 -36.10 20.23 0.78
N GLU A 357 -37.05 19.73 -0.03
CA GLU A 357 -37.40 18.29 -0.14
C GLU A 357 -38.15 17.72 1.07
N SER A 358 -39.49 17.71 0.95
CA SER A 358 -40.41 17.19 1.99
C SER A 358 -41.75 16.76 1.35
N SER A 359 -41.75 15.57 0.74
CA SER A 359 -42.94 15.02 0.09
C SER A 359 -43.81 14.29 1.12
N ASP A 360 -44.97 13.81 0.67
CA ASP A 360 -45.90 13.10 1.55
C ASP A 360 -45.46 11.63 1.76
N ALA A 361 -44.15 11.43 1.85
CA ALA A 361 -43.50 10.13 2.08
C ALA A 361 -42.21 10.55 2.80
N ALA A 362 -42.35 10.87 4.09
CA ALA A 362 -41.25 11.32 4.97
C ALA A 362 -40.07 10.31 5.20
N PRO A 363 -38.81 10.82 5.19
CA PRO A 363 -37.53 10.07 5.37
C PRO A 363 -36.78 9.82 6.75
N SER A 364 -36.17 8.62 6.88
CA SER A 364 -35.35 8.16 8.04
C SER A 364 -34.46 6.96 7.53
N ALA A 365 -33.27 7.32 7.00
CA ALA A 365 -32.26 6.43 6.36
C ALA A 365 -31.43 5.21 6.88
N ASP A 366 -31.08 5.07 8.18
CA ASP A 366 -30.26 3.90 8.69
C ASP A 366 -28.73 3.99 8.33
N ALA A 367 -28.01 5.00 8.87
CA ALA A 367 -26.57 5.19 8.59
C ALA A 367 -25.56 5.58 9.70
N ALA A 368 -25.34 4.69 10.68
CA ALA A 368 -24.37 4.85 11.80
C ALA A 368 -24.47 5.99 12.83
N GLN A 369 -25.69 6.38 13.20
CA GLN A 369 -25.94 7.47 14.18
C GLN A 369 -26.24 7.01 15.63
N MET A 370 -25.97 5.74 15.94
CA MET A 370 -26.24 5.23 17.27
C MET A 370 -25.36 5.87 18.38
N LYS A 371 -26.02 6.18 19.50
CA LYS A 371 -25.36 6.77 20.67
C LYS A 371 -26.00 6.12 21.90
N GLU A 372 -25.16 5.76 22.87
CA GLU A 372 -25.59 5.12 24.12
C GLU A 372 -26.55 5.97 24.96
C1 RET B . 4.02 -11.76 -1.25
C2 RET B . 3.02 -11.37 -2.38
C3 RET B . 3.77 -10.85 -3.58
C4 RET B . 4.62 -9.69 -3.33
C5 RET B . 5.42 -9.73 -2.04
C6 RET B . 5.14 -10.70 -1.01
C7 RET B . 5.86 -10.90 0.32
C8 RET B . 6.98 -10.30 0.46
C9 RET B . 7.98 -10.22 1.51
C10 RET B . 9.09 -9.52 1.31
C11 RET B . 10.29 -9.44 2.17
C12 RET B . 11.38 -8.70 1.99
C13 RET B . 11.79 -7.66 1.01
C14 RET B . 12.88 -6.98 1.21
C15 RET B . 13.23 -5.95 0.29
C16 RET B . 3.13 -11.99 -0.10
C17 RET B . 4.81 -13.10 -1.56
C18 RET B . 6.53 -8.71 -1.95
C19 RET B . 7.70 -10.99 2.73
C20 RET B . 10.87 -7.35 -0.17
C1 PLM C . 8.48 19.38 -11.02
O2 PLM C . 8.99 19.00 -12.10
C2 PLM C . 8.66 18.55 -9.78
C3 PLM C . 9.70 17.47 -9.95
C4 PLM C . 11.10 18.03 -10.13
C5 PLM C . 12.08 16.92 -10.42
C6 PLM C . 13.33 17.12 -9.60
C7 PLM C . 13.70 15.89 -8.79
C8 PLM C . 14.55 14.90 -9.59
C9 PLM C . 15.04 13.75 -8.71
CA PLM C . 16.01 14.22 -7.62
CB PLM C . 15.76 13.50 -6.30
CC PLM C . 16.23 14.31 -5.07
CD PLM C . 17.75 14.55 -5.05
CE PLM C . 18.23 14.95 -3.65
CF PLM C . 19.53 15.76 -3.68
CG PLM C . 20.73 14.95 -4.18
C1 PLM D . 3.39 17.80 -8.10
O2 PLM D . 4.46 18.32 -8.49
C2 PLM D . 3.33 16.32 -7.88
C3 PLM D . 4.68 15.63 -7.77
C4 PLM D . 5.21 15.28 -9.15
C5 PLM D . 6.28 14.19 -9.11
C6 PLM D . 7.68 14.71 -9.40
C7 PLM D . 8.52 13.61 -10.02
C8 PLM D . 9.82 13.34 -9.28
C9 PLM D . 9.92 11.85 -8.96
CA PLM D . 11.34 11.33 -9.13
CB PLM D . 11.34 9.90 -9.66
CC PLM D . 11.36 9.84 -11.20
CD PLM D . 12.71 9.31 -11.72
CE PLM D . 12.56 8.55 -13.05
CF PLM D . 12.63 7.03 -12.81
CG PLM D . 11.60 6.26 -13.62
#